data_6LZ7
#
_entry.id   6LZ7
#
_cell.length_a   154.023
_cell.length_b   154.023
_cell.length_c   141.072
_cell.angle_alpha   90.000
_cell.angle_beta   90.000
_cell.angle_gamma   120.000
#
_symmetry.space_group_name_H-M   'P 62 2 2'
#
loop_
_entity.id
_entity.type
_entity.pdbx_description
1 polymer Cryptochrome-1
2 non-polymer 'FLAVIN-ADENINE DINUCLEOTIDE'
#
_entity_poly.entity_id   1
_entity_poly.type   'polypeptide(L)'
_entity_poly.pdbx_seq_one_letter_code
;MSASQSSMSGAGEPGARAVVWFRRDLRVEDNPALAAAARAAGEVVPAYVWAPEEDGAYYPGRVSRWWLSQSLKHLDASLR
RLGAARLVTRRSNDAVAALLDLVRCTGATHLFFNHLYDPLSLVRDYRVKEQLAAEGIDVQSFNADLLYEPWEVLDEDRRP
FTMFAPFWNRCLCMPDPAAPLLPPKRINSGDLSRCPWDELVFEDESERGSNALLARAWSPGWQNADKALTAFLNGPLMDY
SVNRKKADSASTSLLSPYLHFGELSVRKVFHQVRMKQLMWSNDGNHAGEESCTLFLRSIGLREYSRYLTFNHPCSHEKPL
LSHLRFFPWVVNEVYFKVWRQGRTGYPLVDAGMRELWATGWVHDRIRVVVSSFFVKVLQLPWRWGMKYFWDTLLDADLES
DALGWQYISGSLPDGRELDRIDNPQFEGYKFDPHGEYVRRWLPELARLPTEWIHHPWDAPESVLQAAGVELGSNYPRPIV
ELDAANSRLQDALSEMWELEAASRA
;
_entity_poly.pdbx_strand_id   A
#
# COMPACT_ATOMS: atom_id res chain seq x y z
N PRO A 14 17.25 -23.68 24.67
CA PRO A 14 17.50 -25.07 24.28
C PRO A 14 16.39 -26.00 24.72
N GLY A 15 15.50 -25.45 25.56
CA GLY A 15 14.50 -26.27 26.23
C GLY A 15 13.53 -26.94 25.29
N ALA A 16 12.85 -26.17 24.45
CA ALA A 16 11.82 -26.74 23.58
C ALA A 16 11.87 -26.08 22.20
N ARG A 17 10.81 -26.26 21.42
CA ARG A 17 10.70 -25.69 20.07
C ARG A 17 9.73 -24.51 20.10
N ALA A 18 10.26 -23.29 20.18
CA ALA A 18 9.39 -22.15 19.92
C ALA A 18 9.05 -22.04 18.44
N VAL A 19 7.97 -21.31 18.17
CA VAL A 19 7.41 -21.17 16.82
C VAL A 19 7.05 -19.72 16.56
N VAL A 20 7.30 -19.28 15.32
CA VAL A 20 6.97 -17.95 14.84
C VAL A 20 5.93 -18.07 13.74
N TRP A 21 4.98 -17.14 13.74
CA TRP A 21 3.94 -17.10 12.73
C TRP A 21 3.84 -15.69 12.23
N PHE A 22 4.14 -15.47 10.96
CA PHE A 22 4.14 -14.12 10.45
C PHE A 22 3.08 -13.94 9.38
N ARG A 23 2.59 -12.71 9.25
CA ARG A 23 1.56 -12.45 8.25
C ARG A 23 1.94 -11.33 7.29
N ARG A 24 2.41 -10.18 7.80
CA ARG A 24 2.87 -9.11 6.93
C ARG A 24 4.29 -8.72 7.28
N ASP A 25 5.13 -9.72 7.56
CA ASP A 25 6.55 -9.52 7.79
C ASP A 25 7.29 -10.71 7.17
N LEU A 26 7.24 -10.80 5.85
CA LEU A 26 7.83 -11.94 5.16
C LEU A 26 9.27 -11.58 4.85
N ARG A 27 10.12 -11.78 5.84
CA ARG A 27 11.53 -11.53 5.66
C ARG A 27 12.27 -12.21 6.79
N VAL A 28 13.51 -12.55 6.53
CA VAL A 28 14.30 -13.22 7.54
C VAL A 28 15.32 -12.31 8.14
N GLU A 29 15.52 -11.13 7.58
CA GLU A 29 16.46 -10.20 8.14
C GLU A 29 15.65 -9.25 9.00
N ASP A 30 16.21 -8.86 10.12
CA ASP A 30 15.57 -7.86 10.96
C ASP A 30 14.11 -8.24 11.18
N ASN A 31 13.91 -9.44 11.71
CA ASN A 31 12.60 -9.99 12.10
C ASN A 31 12.69 -10.32 13.58
N PRO A 32 12.35 -9.40 14.46
CA PRO A 32 12.41 -9.70 15.89
C PRO A 32 11.80 -11.04 16.24
N ALA A 33 10.68 -11.44 15.62
CA ALA A 33 10.11 -12.73 15.96
C ALA A 33 11.10 -13.85 15.70
N LEU A 34 11.78 -13.81 14.56
CA LEU A 34 12.79 -14.82 14.28
C LEU A 34 13.93 -14.74 15.29
N ALA A 35 14.31 -13.53 15.68
CA ALA A 35 15.37 -13.31 16.66
C ALA A 35 14.90 -13.54 18.08
N ALA A 36 13.61 -13.78 18.29
CA ALA A 36 13.16 -14.13 19.62
C ALA A 36 13.04 -15.64 19.78
N ALA A 37 12.55 -16.32 18.74
CA ALA A 37 12.35 -17.77 18.86
C ALA A 37 13.67 -18.51 18.92
N ALA A 38 14.62 -18.19 18.05
CA ALA A 38 15.95 -18.78 18.18
C ALA A 38 16.76 -18.09 19.24
N ARG A 39 16.07 -17.52 20.23
CA ARG A 39 16.72 -16.87 21.37
C ARG A 39 16.21 -17.37 22.73
N ALA A 40 14.99 -17.91 22.84
CA ALA A 40 14.69 -18.73 23.99
C ALA A 40 14.89 -20.19 23.61
N ALA A 41 14.12 -20.64 22.64
CA ALA A 41 14.22 -22.01 22.17
C ALA A 41 15.43 -22.19 21.25
N GLY A 42 15.75 -23.45 21.00
CA GLY A 42 16.87 -23.82 20.17
C GLY A 42 16.37 -24.66 19.02
N GLU A 43 15.06 -24.84 19.01
CA GLU A 43 14.40 -25.45 17.87
C GLU A 43 13.34 -24.44 17.47
N VAL A 44 13.30 -24.08 16.19
CA VAL A 44 12.40 -23.02 15.73
C VAL A 44 11.75 -23.51 14.44
N VAL A 45 10.43 -23.68 14.47
CA VAL A 45 9.67 -24.00 13.26
C VAL A 45 8.85 -22.75 12.92
N PRO A 46 8.75 -22.37 11.64
CA PRO A 46 8.03 -21.14 11.29
C PRO A 46 6.83 -21.36 10.36
N ALA A 47 5.77 -20.59 10.58
CA ALA A 47 4.44 -20.93 10.08
C ALA A 47 3.71 -19.71 9.55
N TYR A 48 2.73 -19.98 8.68
CA TYR A 48 1.81 -18.96 8.19
C TYR A 48 0.45 -19.62 8.01
N VAL A 49 -0.60 -18.91 8.42
CA VAL A 49 -1.97 -19.43 8.38
C VAL A 49 -2.81 -18.61 7.41
N TRP A 50 -3.89 -19.23 6.94
CA TRP A 50 -4.74 -18.66 5.89
C TRP A 50 -6.19 -18.95 6.27
N ALA A 51 -6.71 -18.14 7.19
CA ALA A 51 -8.13 -18.17 7.51
C ALA A 51 -8.73 -16.89 6.93
N PRO A 52 -9.25 -16.92 5.73
CA PRO A 52 -9.64 -15.68 5.07
C PRO A 52 -11.09 -15.32 5.32
N GLU A 53 -11.92 -16.34 5.44
CA GLU A 53 -13.33 -16.10 5.69
C GLU A 53 -13.51 -15.27 6.95
N GLU A 54 -12.88 -15.70 8.04
CA GLU A 54 -12.85 -14.90 9.26
C GLU A 54 -11.48 -14.25 9.46
N ASP A 55 -10.82 -13.91 8.35
CA ASP A 55 -10.09 -12.65 8.26
C ASP A 55 -11.05 -11.49 8.11
N GLY A 56 -12.30 -11.78 7.78
CA GLY A 56 -13.35 -10.79 7.71
C GLY A 56 -13.40 -10.09 6.37
N ALA A 57 -14.61 -9.75 5.96
CA ALA A 57 -14.83 -8.91 4.80
C ALA A 57 -14.24 -7.53 5.09
N TYR A 58 -13.32 -7.08 4.23
CA TYR A 58 -12.97 -7.92 3.13
C TYR A 58 -11.56 -8.52 3.17
N TYR A 59 -11.31 -9.21 2.08
CA TYR A 59 -10.38 -10.26 1.73
C TYR A 59 -9.08 -9.52 1.49
N PRO A 60 -8.02 -10.14 1.06
CA PRO A 60 -7.10 -9.41 0.17
C PRO A 60 -7.40 -9.62 -1.30
N GLY A 61 -7.17 -8.59 -2.14
CA GLY A 61 -7.72 -8.59 -3.48
C GLY A 61 -6.89 -9.34 -4.51
N ARG A 62 -7.58 -9.64 -5.62
CA ARG A 62 -7.11 -10.53 -6.67
C ARG A 62 -5.59 -10.61 -6.79
N VAL A 63 -4.91 -9.48 -6.88
CA VAL A 63 -3.48 -9.47 -7.10
C VAL A 63 -2.71 -9.47 -5.79
N SER A 64 -3.23 -8.80 -4.75
CA SER A 64 -2.54 -8.88 -3.47
C SER A 64 -2.32 -10.33 -3.07
N ARG A 65 -3.22 -11.23 -3.48
CA ARG A 65 -2.92 -12.66 -3.39
C ARG A 65 -1.70 -13.01 -4.24
N TRP A 66 -1.82 -12.84 -5.56
CA TRP A 66 -0.77 -13.25 -6.48
C TRP A 66 0.60 -12.91 -5.94
N TRP A 67 0.75 -11.70 -5.41
CA TRP A 67 2.01 -11.39 -4.75
C TRP A 67 2.23 -12.33 -3.58
N LEU A 68 1.23 -12.43 -2.70
CA LEU A 68 1.40 -13.15 -1.44
C LEU A 68 1.85 -14.59 -1.67
N SER A 69 1.25 -15.28 -2.63
CA SER A 69 1.68 -16.64 -2.94
C SER A 69 3.16 -16.65 -3.26
N GLN A 70 3.58 -15.77 -4.16
CA GLN A 70 4.95 -15.83 -4.57
C GLN A 70 5.89 -15.46 -3.44
N SER A 71 5.53 -14.50 -2.58
CA SER A 71 6.39 -14.27 -1.42
C SER A 71 6.58 -15.53 -0.60
N LEU A 72 5.49 -16.17 -0.21
CA LEU A 72 5.63 -17.40 0.57
C LEU A 72 6.63 -18.33 -0.08
N LYS A 73 6.43 -18.64 -1.36
CA LYS A 73 7.38 -19.48 -2.08
C LYS A 73 8.78 -18.96 -1.83
N HIS A 74 8.96 -17.66 -1.95
CA HIS A 74 10.28 -17.13 -1.72
C HIS A 74 10.62 -17.08 -0.24
N LEU A 75 9.63 -17.18 0.64
CA LEU A 75 9.98 -17.35 2.05
C LEU A 75 10.29 -18.81 2.37
N ASP A 76 9.51 -19.73 1.80
CA ASP A 76 9.67 -21.15 2.08
C ASP A 76 11.06 -21.63 1.70
N ALA A 77 11.46 -21.40 0.45
CA ALA A 77 12.78 -21.83 0.03
C ALA A 77 13.88 -20.91 0.53
N SER A 78 13.55 -19.76 1.10
CA SER A 78 14.59 -19.02 1.83
C SER A 78 14.68 -19.52 3.24
N LEU A 79 13.51 -19.71 3.86
CA LEU A 79 13.47 -20.34 5.17
C LEU A 79 14.18 -21.68 5.15
N ARG A 80 13.83 -22.53 4.18
CA ARG A 80 14.40 -23.86 4.13
C ARG A 80 15.91 -23.79 4.12
N ARG A 81 16.48 -22.81 3.41
CA ARG A 81 17.93 -22.74 3.30
C ARG A 81 18.53 -22.32 4.64
N LEU A 82 18.08 -21.20 5.19
CA LEU A 82 18.53 -20.78 6.51
C LEU A 82 18.44 -21.93 7.52
N GLY A 83 17.32 -22.63 7.55
CA GLY A 83 17.18 -23.81 8.39
C GLY A 83 16.11 -24.79 7.91
N ALA A 84 16.54 -25.95 7.40
CA ALA A 84 15.63 -26.88 6.72
C ALA A 84 14.58 -27.36 7.72
N ALA A 85 13.53 -26.58 7.84
CA ALA A 85 12.23 -27.20 7.95
C ALA A 85 11.57 -26.98 6.60
N ARG A 86 10.94 -25.83 6.45
CA ARG A 86 9.70 -25.85 5.72
C ARG A 86 9.03 -24.57 6.14
N LEU A 87 8.19 -24.03 5.27
CA LEU A 87 7.17 -23.11 5.72
C LEU A 87 5.94 -23.98 5.82
N VAL A 88 5.36 -23.98 6.99
CA VAL A 88 4.27 -24.88 7.32
C VAL A 88 2.97 -24.12 7.08
N THR A 89 2.20 -24.59 6.13
CA THR A 89 1.00 -23.92 5.65
C THR A 89 -0.23 -24.63 6.20
N ARG A 90 -0.97 -23.96 7.09
CA ARG A 90 -2.20 -24.53 7.63
C ARG A 90 -3.32 -23.54 7.39
N ARG A 91 -4.37 -24.00 6.72
CA ARG A 91 -5.57 -23.22 6.47
C ARG A 91 -6.70 -23.73 7.35
N SER A 92 -7.47 -22.81 7.90
CA SER A 92 -8.51 -23.14 8.86
C SER A 92 -9.64 -22.14 8.73
N ASN A 93 -10.77 -22.46 9.36
CA ASN A 93 -11.88 -21.52 9.49
C ASN A 93 -11.58 -20.46 10.55
N ASP A 94 -10.95 -20.87 11.64
CA ASP A 94 -10.55 -20.00 12.75
C ASP A 94 -9.03 -19.90 12.82
N ALA A 95 -8.54 -18.67 12.90
CA ALA A 95 -7.11 -18.45 13.09
C ALA A 95 -6.67 -18.89 14.47
N VAL A 96 -7.31 -18.37 15.51
CA VAL A 96 -6.95 -18.68 16.89
C VAL A 96 -6.85 -20.19 17.07
N ALA A 97 -7.85 -20.90 16.56
CA ALA A 97 -7.85 -22.35 16.57
C ALA A 97 -7.07 -22.88 15.37
N ALA A 98 -5.81 -22.48 15.31
CA ALA A 98 -4.94 -23.05 14.31
C ALA A 98 -3.59 -23.18 14.97
N LEU A 99 -3.23 -22.12 15.69
CA LEU A 99 -2.04 -22.15 16.51
C LEU A 99 -2.17 -23.14 17.66
N LEU A 100 -3.36 -23.25 18.24
CA LEU A 100 -3.60 -24.40 19.11
C LEU A 100 -3.40 -25.71 18.34
N ASP A 101 -3.98 -25.84 17.13
CA ASP A 101 -3.72 -27.01 16.30
C ASP A 101 -2.24 -27.17 16.06
N LEU A 102 -1.51 -26.06 15.96
CA LEU A 102 -0.08 -26.14 15.72
C LEU A 102 0.66 -26.54 16.98
N VAL A 103 0.36 -25.89 18.10
CA VAL A 103 1.27 -26.00 19.24
C VAL A 103 1.32 -27.44 19.77
N ARG A 104 0.18 -28.13 19.84
CA ARG A 104 0.22 -29.55 20.16
C ARG A 104 1.01 -30.29 19.10
N CYS A 105 0.52 -30.22 17.87
CA CYS A 105 1.26 -30.68 16.71
C CYS A 105 2.76 -30.47 16.83
N THR A 106 3.20 -29.20 16.82
CA THR A 106 4.64 -28.94 16.86
C THR A 106 5.27 -29.46 18.14
N GLY A 107 4.50 -29.58 19.20
CA GLY A 107 5.08 -29.84 20.50
C GLY A 107 5.96 -28.67 20.90
N ALA A 108 5.32 -27.54 21.17
CA ALA A 108 6.02 -26.28 21.37
C ALA A 108 5.50 -25.60 22.62
N THR A 109 6.35 -24.79 23.23
CA THR A 109 5.96 -24.06 24.41
C THR A 109 5.94 -22.56 24.21
N HIS A 110 6.39 -22.06 23.06
CA HIS A 110 6.61 -20.63 22.87
C HIS A 110 6.21 -20.20 21.47
N LEU A 111 5.19 -19.34 21.37
CA LEU A 111 4.73 -18.74 20.11
C LEU A 111 5.03 -17.25 20.08
N PHE A 112 5.85 -16.83 19.12
CA PHE A 112 6.27 -15.43 18.95
C PHE A 112 5.89 -14.97 17.55
N PHE A 113 5.30 -13.77 17.44
CA PHE A 113 5.13 -13.24 16.09
C PHE A 113 5.36 -11.74 16.05
N ASN A 114 4.71 -11.06 15.12
CA ASN A 114 4.94 -9.64 14.95
C ASN A 114 3.64 -8.88 14.88
N HIS A 115 3.71 -7.64 15.38
CA HIS A 115 2.53 -6.81 15.51
C HIS A 115 1.99 -6.40 14.16
N LEU A 116 0.68 -6.15 14.13
CA LEU A 116 -0.01 -5.65 12.96
C LEU A 116 -1.04 -4.68 13.49
N TYR A 117 -1.11 -3.51 12.89
CA TYR A 117 -1.78 -2.37 13.50
C TYR A 117 -3.19 -2.18 12.98
N ASP A 118 -3.54 -2.88 11.91
CA ASP A 118 -4.82 -2.72 11.25
C ASP A 118 -5.96 -3.09 12.19
N PRO A 119 -7.16 -2.57 11.93
CA PRO A 119 -8.30 -2.94 12.78
C PRO A 119 -8.64 -4.41 12.69
N LEU A 120 -8.58 -5.02 11.49
CA LEU A 120 -9.09 -6.38 11.30
C LEU A 120 -8.32 -7.39 12.15
N SER A 121 -7.06 -7.09 12.46
CA SER A 121 -6.21 -7.92 13.32
C SER A 121 -5.78 -7.16 14.57
N LEU A 122 -6.37 -6.01 14.82
CA LEU A 122 -6.11 -5.36 16.09
C LEU A 122 -6.63 -6.21 17.23
N VAL A 123 -7.85 -6.75 17.07
CA VAL A 123 -8.44 -7.57 18.11
C VAL A 123 -7.93 -8.99 18.05
N ARG A 124 -7.61 -9.49 16.86
CA ARG A 124 -7.17 -10.87 16.72
C ARG A 124 -5.96 -11.15 17.61
N ASP A 125 -4.94 -10.30 17.57
CA ASP A 125 -3.76 -10.51 18.40
C ASP A 125 -4.11 -10.69 19.88
N TYR A 126 -5.03 -9.88 20.41
CA TYR A 126 -5.41 -10.05 21.82
C TYR A 126 -6.04 -11.41 22.05
N ARG A 127 -6.87 -11.85 21.13
CA ARG A 127 -7.54 -13.13 21.29
C ARG A 127 -6.73 -14.29 20.68
N VAL A 128 -5.56 -14.00 20.11
CA VAL A 128 -4.50 -15.00 20.01
C VAL A 128 -3.56 -14.89 21.21
N LYS A 129 -3.77 -13.91 22.08
CA LYS A 129 -3.09 -13.83 23.35
C LYS A 129 -3.91 -14.42 24.49
N GLU A 130 -5.16 -13.97 24.66
CA GLU A 130 -5.99 -14.46 25.76
C GLU A 130 -6.23 -15.95 25.65
N GLN A 131 -6.66 -16.42 24.48
CA GLN A 131 -6.89 -17.85 24.32
C GLN A 131 -5.59 -18.65 24.45
N LEU A 132 -4.47 -18.06 24.06
CA LEU A 132 -3.19 -18.76 24.15
C LEU A 132 -2.53 -18.67 25.51
N ALA A 133 -2.70 -17.55 26.21
CA ALA A 133 -2.20 -17.41 27.57
C ALA A 133 -2.95 -18.32 28.53
N ALA A 134 -4.24 -18.54 28.28
CA ALA A 134 -5.00 -19.50 29.07
C ALA A 134 -4.43 -20.92 28.94
N GLU A 135 -3.79 -21.26 27.83
CA GLU A 135 -3.12 -22.55 27.72
C GLU A 135 -1.65 -22.47 28.10
N GLY A 136 -1.26 -21.45 28.87
CA GLY A 136 0.10 -21.31 29.38
C GLY A 136 1.15 -21.51 28.33
N ILE A 137 1.18 -20.61 27.35
CA ILE A 137 1.90 -20.85 26.11
C ILE A 137 2.91 -19.75 25.79
N ASP A 138 2.94 -18.68 26.58
CA ASP A 138 3.87 -17.56 26.43
C ASP A 138 3.88 -17.02 25.01
N VAL A 139 2.75 -16.41 24.67
CA VAL A 139 2.64 -15.65 23.43
C VAL A 139 3.29 -14.29 23.65
N GLN A 140 4.11 -13.88 22.68
CA GLN A 140 4.72 -12.56 22.69
C GLN A 140 5.05 -12.12 21.28
N SER A 141 5.06 -10.80 21.07
CA SER A 141 5.25 -10.26 19.74
C SER A 141 5.69 -8.81 19.83
N PHE A 142 6.55 -8.42 18.89
CA PHE A 142 7.23 -7.13 18.93
C PHE A 142 6.94 -6.28 17.70
N ASN A 143 7.93 -5.50 17.29
CA ASN A 143 7.72 -4.42 16.35
C ASN A 143 8.73 -4.51 15.23
N ALA A 144 8.28 -4.91 14.07
CA ALA A 144 9.11 -4.86 12.88
C ALA A 144 8.41 -4.22 11.71
N ASP A 145 7.12 -3.94 11.81
CA ASP A 145 6.44 -3.40 10.65
C ASP A 145 6.52 -1.89 10.58
N LEU A 146 6.91 -1.22 11.66
CA LEU A 146 6.78 0.22 11.70
C LEU A 146 8.06 0.82 12.28
N LEU A 147 8.22 2.13 12.11
CA LEU A 147 9.49 2.78 12.42
C LEU A 147 9.47 3.48 13.77
N TYR A 148 8.45 4.29 14.02
CA TYR A 148 8.14 4.83 15.34
C TYR A 148 6.80 4.29 15.79
N GLU A 149 6.82 3.45 16.81
CA GLU A 149 5.62 2.83 17.34
C GLU A 149 4.51 3.86 17.60
N PRO A 150 3.31 3.71 17.03
CA PRO A 150 2.28 4.76 17.17
C PRO A 150 2.00 5.22 18.60
N TRP A 151 2.16 4.34 19.59
CA TRP A 151 2.05 4.79 20.97
C TRP A 151 3.34 5.36 21.51
N GLU A 152 4.39 5.49 20.69
CA GLU A 152 5.65 6.02 21.17
C GLU A 152 5.75 7.52 20.99
N VAL A 153 4.90 8.09 20.15
CA VAL A 153 4.94 9.52 19.84
C VAL A 153 3.67 10.17 20.41
N LEU A 154 3.86 11.34 21.03
CA LEU A 154 2.78 12.10 21.69
C LEU A 154 2.98 13.58 21.39
N ASP A 155 2.04 14.37 21.90
CA ASP A 155 1.69 15.74 21.46
C ASP A 155 1.83 16.71 22.63
N GLU A 156 3.00 17.36 22.75
CA GLU A 156 3.20 18.37 23.79
C GLU A 156 2.75 17.68 25.10
N ASP A 157 1.61 18.05 25.68
CA ASP A 157 1.10 17.26 26.79
C ASP A 157 0.19 16.17 26.26
N ARG A 158 0.74 14.98 26.09
CA ARG A 158 0.01 13.73 26.16
C ARG A 158 -1.30 13.73 25.37
N ARG A 159 -1.26 14.28 24.14
CA ARG A 159 -2.41 14.21 23.21
C ARG A 159 -2.17 13.59 21.80
N PRO A 160 -3.03 13.86 20.77
CA PRO A 160 -2.62 13.19 19.51
C PRO A 160 -2.37 14.21 18.41
N PHE A 161 -2.10 13.76 17.20
CA PHE A 161 -1.81 14.67 16.10
C PHE A 161 -2.98 14.63 15.15
N THR A 162 -3.45 15.81 14.75
CA THR A 162 -4.56 15.91 13.81
C THR A 162 -4.09 16.24 12.39
N MET A 163 -2.81 16.50 12.20
CA MET A 163 -2.27 16.76 10.88
C MET A 163 -0.97 15.98 10.74
N PHE A 164 -0.42 15.96 9.53
CA PHE A 164 0.88 15.33 9.34
C PHE A 164 1.98 16.21 9.91
N ALA A 165 2.00 17.48 9.50
CA ALA A 165 3.09 18.43 9.68
C ALA A 165 3.82 18.18 10.99
N PRO A 166 3.16 18.28 12.15
CA PRO A 166 3.93 18.20 13.40
C PRO A 166 4.22 16.80 13.86
N PHE A 167 3.50 15.80 13.35
CA PHE A 167 3.83 14.42 13.69
C PHE A 167 5.23 14.08 13.19
N TRP A 168 5.52 14.46 11.96
CA TRP A 168 6.86 14.26 11.45
C TRP A 168 7.82 15.23 12.12
N ASN A 169 7.45 16.51 12.23
CA ASN A 169 8.42 17.46 12.74
C ASN A 169 8.88 17.11 14.14
N ARG A 170 8.02 16.48 14.93
CA ARG A 170 8.45 15.94 16.21
C ARG A 170 9.30 14.70 16.04
N CYS A 171 8.82 13.77 15.20
CA CYS A 171 9.54 12.53 14.95
C CYS A 171 10.97 12.81 14.50
N LEU A 172 11.18 13.89 13.75
CA LEU A 172 12.51 14.19 13.22
C LEU A 172 13.52 14.37 14.36
N CYS A 173 13.28 15.33 15.26
CA CYS A 173 14.08 15.36 16.49
C CYS A 173 13.40 14.55 17.58
N MET A 174 13.13 13.28 17.27
CA MET A 174 12.93 12.26 18.28
C MET A 174 14.29 11.59 18.39
N PRO A 175 14.43 10.41 18.97
CA PRO A 175 15.68 9.67 18.81
C PRO A 175 15.74 8.90 17.49
N ASP A 176 16.93 8.35 17.24
CA ASP A 176 17.13 7.47 16.10
C ASP A 176 16.47 6.13 16.37
N PRO A 177 15.72 5.58 15.42
CA PRO A 177 15.08 4.27 15.62
C PRO A 177 16.04 3.13 15.32
N ALA A 178 15.65 1.95 15.78
CA ALA A 178 16.59 0.85 15.94
C ALA A 178 17.24 0.46 14.62
N ALA A 179 18.55 0.22 14.66
CA ALA A 179 19.25 -0.33 13.53
C ALA A 179 18.69 -1.72 13.22
N PRO A 180 18.76 -2.18 11.98
CA PRO A 180 18.16 -3.50 11.69
C PRO A 180 18.99 -4.63 12.27
N LEU A 181 18.31 -5.59 12.90
CA LEU A 181 19.00 -6.76 13.37
C LEU A 181 19.48 -7.62 12.19
N LEU A 182 20.62 -8.28 12.36
CA LEU A 182 21.09 -9.17 11.31
C LEU A 182 20.30 -10.46 11.37
N PRO A 183 20.20 -11.19 10.29
CA PRO A 183 19.45 -12.44 10.28
C PRO A 183 20.04 -13.38 11.32
N PRO A 184 19.35 -14.45 11.66
CA PRO A 184 20.02 -15.48 12.51
C PRO A 184 21.12 -16.13 11.70
N LYS A 185 22.08 -16.82 12.32
CA LYS A 185 23.10 -17.48 11.51
C LYS A 185 22.42 -18.52 10.63
N ARG A 186 21.79 -19.50 11.26
CA ARG A 186 21.09 -20.59 10.60
C ARG A 186 20.24 -21.26 11.68
N ILE A 187 19.07 -21.74 11.30
CA ILE A 187 18.06 -22.18 12.24
C ILE A 187 17.72 -23.63 11.96
N ASN A 188 16.94 -24.25 12.85
CA ASN A 188 16.43 -25.58 12.53
C ASN A 188 15.09 -26.03 13.11
N SER A 189 14.42 -26.86 12.32
CA SER A 189 13.07 -27.33 12.52
C SER A 189 12.68 -27.85 13.89
N GLY A 190 12.96 -29.13 14.07
CA GLY A 190 12.06 -30.05 14.74
C GLY A 190 11.52 -31.05 13.74
N ASP A 191 10.55 -31.84 14.22
CA ASP A 191 9.90 -32.74 13.29
C ASP A 191 8.84 -31.95 12.56
N LEU A 192 9.16 -31.62 11.32
CA LEU A 192 8.20 -31.35 10.29
C LEU A 192 7.18 -32.49 10.30
N SER A 193 6.56 -32.78 11.49
CA SER A 193 6.06 -34.11 11.92
C SER A 193 5.78 -34.81 10.61
N ARG A 194 4.57 -34.60 10.08
CA ARG A 194 4.31 -34.16 8.70
C ARG A 194 3.02 -33.39 8.91
N CYS A 195 3.08 -32.53 9.90
CA CYS A 195 1.97 -32.27 10.78
C CYS A 195 0.83 -31.55 10.05
N PRO A 196 1.03 -30.34 9.39
CA PRO A 196 -0.13 -29.60 8.88
C PRO A 196 -0.03 -29.17 7.40
N TRP A 197 0.63 -29.88 6.47
CA TRP A 197 0.94 -29.34 5.13
C TRP A 197 -0.22 -28.90 4.24
N ASP A 198 -1.20 -28.10 4.62
CA ASP A 198 -2.23 -27.81 3.61
C ASP A 198 -1.64 -26.94 2.50
N GLU A 199 -1.68 -27.40 1.26
CA GLU A 199 -1.29 -26.50 0.19
C GLU A 199 -2.33 -25.40 0.10
N LEU A 200 -1.91 -24.19 -0.25
CA LEU A 200 -2.78 -23.03 -0.11
C LEU A 200 -3.34 -22.59 -1.46
N VAL A 201 -4.59 -22.10 -1.47
CA VAL A 201 -5.22 -21.58 -2.68
C VAL A 201 -5.27 -20.07 -2.56
N PHE A 202 -4.56 -19.38 -3.44
CA PHE A 202 -4.50 -17.92 -3.44
C PHE A 202 -5.14 -17.25 -4.63
N GLU A 203 -5.17 -17.91 -5.77
CA GLU A 203 -5.78 -17.39 -6.98
C GLU A 203 -6.77 -18.42 -7.49
N ASP A 204 -7.87 -17.94 -8.06
CA ASP A 204 -8.79 -18.82 -8.77
C ASP A 204 -8.14 -19.31 -10.04
N GLU A 205 -8.55 -20.49 -10.47
CA GLU A 205 -7.83 -21.15 -11.53
C GLU A 205 -8.04 -20.47 -12.88
N SER A 206 -9.09 -19.64 -13.01
CA SER A 206 -9.31 -18.92 -14.26
C SER A 206 -8.21 -17.91 -14.54
N GLU A 207 -7.92 -17.07 -13.55
CA GLU A 207 -6.96 -15.99 -13.70
C GLU A 207 -5.59 -16.41 -13.23
N ARG A 208 -5.20 -17.67 -13.43
CA ARG A 208 -3.82 -18.04 -13.15
C ARG A 208 -2.93 -17.44 -14.24
N GLY A 209 -3.16 -17.85 -15.50
CA GLY A 209 -2.27 -17.46 -16.57
C GLY A 209 -2.22 -15.96 -16.75
N SER A 210 -3.39 -15.33 -16.80
CA SER A 210 -3.47 -13.90 -17.02
C SER A 210 -3.11 -13.10 -15.77
N ASN A 211 -2.63 -13.75 -14.72
CA ASN A 211 -2.05 -12.99 -13.62
C ASN A 211 -0.59 -12.74 -13.87
N ALA A 212 0.17 -13.79 -14.16
CA ALA A 212 1.62 -13.70 -14.13
C ALA A 212 2.31 -12.57 -14.89
N LEU A 213 1.69 -11.88 -15.85
CA LEU A 213 2.45 -10.76 -16.46
C LEU A 213 2.86 -9.72 -15.45
N LEU A 214 2.16 -9.66 -14.32
CA LEU A 214 2.72 -8.96 -13.19
C LEU A 214 4.20 -9.28 -13.00
N ALA A 215 4.59 -10.54 -13.23
CA ALA A 215 5.99 -10.91 -13.03
C ALA A 215 6.91 -10.23 -14.03
N ARG A 216 6.38 -9.72 -15.15
CA ARG A 216 7.27 -9.07 -16.10
C ARG A 216 7.70 -7.68 -15.65
N ALA A 217 6.83 -7.02 -14.90
CA ALA A 217 7.15 -5.69 -14.41
C ALA A 217 7.54 -5.68 -12.94
N TRP A 218 7.06 -6.65 -12.17
CA TRP A 218 7.31 -6.73 -10.74
C TRP A 218 7.94 -8.08 -10.43
N SER A 219 8.80 -8.15 -9.41
CA SER A 219 9.37 -9.43 -9.03
C SER A 219 9.38 -9.57 -7.51
N PRO A 220 8.36 -10.19 -6.91
CA PRO A 220 8.23 -10.19 -5.45
C PRO A 220 9.19 -11.15 -4.78
N GLY A 221 9.43 -10.92 -3.49
CA GLY A 221 10.31 -11.81 -2.74
C GLY A 221 11.07 -11.13 -1.62
N TRP A 222 11.31 -11.85 -0.53
CA TRP A 222 12.25 -11.38 0.47
C TRP A 222 13.50 -10.79 -0.18
N GLN A 223 14.26 -11.64 -0.87
CA GLN A 223 15.47 -11.21 -1.58
C GLN A 223 15.22 -10.06 -2.53
N ASN A 224 14.34 -10.26 -3.50
CA ASN A 224 14.15 -9.27 -4.54
C ASN A 224 13.86 -7.90 -3.98
N ALA A 225 13.32 -7.82 -2.77
CA ALA A 225 13.08 -6.52 -2.19
C ALA A 225 14.33 -5.92 -1.59
N ASP A 226 15.29 -6.74 -1.15
CA ASP A 226 16.50 -6.18 -0.57
C ASP A 226 17.32 -5.45 -1.62
N LYS A 227 17.26 -5.92 -2.87
CA LYS A 227 17.90 -5.27 -4.01
C LYS A 227 16.98 -4.29 -4.72
N ALA A 228 15.67 -4.39 -4.53
CA ALA A 228 14.82 -3.31 -4.98
C ALA A 228 15.27 -1.98 -4.39
N LEU A 229 15.70 -1.99 -3.13
CA LEU A 229 16.14 -0.77 -2.48
C LEU A 229 17.56 -0.44 -2.90
N THR A 230 18.46 -1.41 -2.79
CA THR A 230 19.88 -1.15 -2.99
C THR A 230 20.17 -0.67 -4.39
N ALA A 231 19.30 -0.95 -5.34
CA ALA A 231 19.46 -0.35 -6.66
C ALA A 231 18.70 0.96 -6.81
N PHE A 232 17.90 1.30 -5.80
CA PHE A 232 17.33 2.64 -5.83
C PHE A 232 18.32 3.67 -5.33
N LEU A 233 19.01 3.40 -4.21
CA LEU A 233 19.90 4.40 -3.63
C LEU A 233 20.92 4.89 -4.64
N ASN A 234 21.57 3.96 -5.34
CA ASN A 234 22.63 4.33 -6.26
C ASN A 234 22.09 5.21 -7.39
N GLY A 235 20.92 4.88 -7.91
CA GLY A 235 20.37 5.61 -9.03
C GLY A 235 19.34 6.67 -8.68
N PRO A 236 18.07 6.30 -8.80
CA PRO A 236 16.99 7.29 -8.74
C PRO A 236 16.95 8.15 -7.49
N LEU A 237 17.67 7.78 -6.44
CA LEU A 237 17.58 8.57 -5.20
C LEU A 237 18.07 10.00 -5.42
N MET A 238 19.25 10.16 -6.00
CA MET A 238 19.89 11.45 -5.91
C MET A 238 19.03 12.54 -6.53
N ASP A 239 18.60 12.34 -7.76
CA ASP A 239 17.77 13.33 -8.45
C ASP A 239 16.27 13.05 -8.28
N TYR A 240 15.92 12.72 -7.03
CA TYR A 240 14.55 12.44 -6.63
C TYR A 240 13.83 13.68 -6.15
N SER A 241 14.52 14.62 -5.49
CA SER A 241 13.82 15.80 -4.99
C SER A 241 13.16 16.57 -6.12
N VAL A 242 13.81 16.63 -7.27
CA VAL A 242 13.19 17.40 -8.35
C VAL A 242 12.12 16.59 -9.02
N ASN A 243 12.32 15.29 -9.15
CA ASN A 243 11.51 14.47 -10.04
C ASN A 243 10.41 13.69 -9.35
N ARG A 244 10.31 13.75 -8.02
CA ARG A 244 9.30 12.92 -7.36
C ARG A 244 7.93 13.15 -7.96
N LYS A 245 7.67 14.36 -8.43
CA LYS A 245 6.37 14.64 -9.01
C LYS A 245 6.25 14.06 -10.42
N LYS A 246 7.34 14.06 -11.19
CA LYS A 246 7.29 13.56 -12.56
C LYS A 246 6.95 12.08 -12.58
N ALA A 247 5.92 11.72 -13.32
CA ALA A 247 5.48 10.33 -13.47
C ALA A 247 5.93 9.69 -14.78
N ASP A 248 6.67 10.40 -15.61
CA ASP A 248 7.04 9.88 -16.92
C ASP A 248 8.33 9.08 -16.90
N SER A 249 8.98 8.93 -15.73
CA SER A 249 10.25 8.23 -15.62
C SER A 249 10.28 7.43 -14.32
N ALA A 250 11.37 6.71 -14.09
CA ALA A 250 11.49 5.84 -12.92
C ALA A 250 11.96 6.66 -11.71
N SER A 251 11.13 7.66 -11.42
CA SER A 251 11.43 8.78 -10.55
C SER A 251 11.29 8.42 -9.09
N THR A 252 10.90 7.21 -8.77
CA THR A 252 10.51 6.92 -7.42
C THR A 252 11.11 5.57 -7.04
N SER A 253 11.01 5.22 -5.77
CA SER A 253 11.57 3.98 -5.24
C SER A 253 10.99 2.69 -5.82
N LEU A 254 9.75 2.70 -6.33
CA LEU A 254 9.07 1.46 -6.74
C LEU A 254 9.18 0.39 -5.66
N LEU A 255 8.97 0.79 -4.40
CA LEU A 255 9.38 -0.05 -3.29
C LEU A 255 8.25 -0.33 -2.30
N SER A 256 7.02 -0.16 -2.69
CA SER A 256 5.92 -0.04 -1.75
C SER A 256 5.23 -1.35 -1.46
N PRO A 257 4.93 -2.18 -2.46
CA PRO A 257 4.50 -3.52 -2.11
C PRO A 257 5.58 -4.26 -1.35
N TYR A 258 6.84 -4.13 -1.73
CA TYR A 258 7.88 -4.76 -0.94
C TYR A 258 7.79 -4.32 0.51
N LEU A 259 7.49 -3.06 0.73
CA LEU A 259 7.42 -2.56 2.09
C LEU A 259 6.09 -2.84 2.73
N HIS A 260 5.06 -3.09 1.93
CA HIS A 260 3.78 -3.43 2.51
C HIS A 260 3.88 -4.75 3.25
N PHE A 261 4.24 -5.82 2.52
CA PHE A 261 4.33 -7.13 3.14
C PHE A 261 5.53 -7.27 4.08
N GLY A 262 6.30 -6.22 4.29
CA GLY A 262 7.45 -6.32 5.16
C GLY A 262 8.68 -6.94 4.55
N GLU A 263 8.65 -7.33 3.28
CA GLU A 263 9.83 -7.99 2.69
C GLU A 263 11.06 -7.10 2.78
N LEU A 264 10.88 -5.77 2.81
CA LEU A 264 11.97 -4.83 3.02
C LEU A 264 11.82 -4.19 4.39
N SER A 265 12.86 -4.22 5.21
CA SER A 265 12.71 -3.65 6.55
C SER A 265 12.64 -2.15 6.52
N VAL A 266 11.60 -1.61 7.13
CA VAL A 266 11.37 -0.18 7.06
C VAL A 266 12.46 0.60 7.77
N ARG A 267 13.23 -0.04 8.62
CA ARG A 267 14.34 0.65 9.25
C ARG A 267 15.68 0.14 8.78
N LYS A 268 15.72 -0.92 8.00
CA LYS A 268 16.85 -1.07 7.10
C LYS A 268 16.96 0.16 6.23
N VAL A 269 15.85 0.53 5.59
CA VAL A 269 15.90 1.63 4.65
C VAL A 269 16.24 2.92 5.38
N PHE A 270 15.58 3.20 6.50
CA PHE A 270 15.87 4.47 7.16
C PHE A 270 17.37 4.59 7.43
N HIS A 271 17.97 3.50 7.92
CA HIS A 271 19.41 3.53 8.14
C HIS A 271 20.15 3.87 6.87
N GLN A 272 19.79 3.19 5.77
CA GLN A 272 20.55 3.34 4.52
C GLN A 272 20.37 4.72 3.92
N VAL A 273 19.14 5.17 3.83
CA VAL A 273 18.88 6.53 3.38
C VAL A 273 19.71 7.50 4.18
N ARG A 274 19.55 7.48 5.50
CA ARG A 274 20.21 8.50 6.32
C ARG A 274 21.70 8.46 6.08
N MET A 275 22.23 7.26 5.89
CA MET A 275 23.64 7.13 5.56
C MET A 275 23.98 7.87 4.28
N LYS A 276 23.25 7.58 3.21
CA LYS A 276 23.57 8.24 1.97
C LYS A 276 23.54 9.76 2.16
N GLN A 277 22.57 10.27 2.91
CA GLN A 277 22.54 11.71 3.17
C GLN A 277 23.87 12.17 3.72
N LEU A 278 24.35 11.48 4.75
CA LEU A 278 25.66 11.79 5.30
C LEU A 278 26.69 11.93 4.19
N MET A 279 26.95 10.83 3.47
CA MET A 279 28.03 10.83 2.49
C MET A 279 27.84 11.97 1.49
N TRP A 280 26.60 12.26 1.10
CA TRP A 280 26.38 13.31 0.12
C TRP A 280 26.67 14.68 0.71
N SER A 281 26.32 14.91 1.98
CA SER A 281 26.62 16.19 2.60
C SER A 281 28.10 16.48 2.53
N ASN A 282 28.91 15.57 3.08
CA ASN A 282 30.35 15.75 3.00
C ASN A 282 30.86 15.57 1.59
N ASP A 283 30.07 14.97 0.71
CA ASP A 283 30.50 14.94 -0.67
C ASP A 283 30.40 16.33 -1.27
N GLY A 284 29.62 17.21 -0.63
CA GLY A 284 29.34 18.48 -1.21
C GLY A 284 28.13 18.47 -2.12
N ASN A 285 27.53 17.31 -2.36
CA ASN A 285 26.29 17.28 -3.11
C ASN A 285 25.21 17.97 -2.29
N HIS A 286 24.80 19.15 -2.69
CA HIS A 286 23.85 19.88 -1.88
C HIS A 286 22.40 19.52 -2.20
N ALA A 287 22.14 18.86 -3.33
CA ALA A 287 20.79 18.42 -3.66
C ALA A 287 20.57 16.96 -3.33
N GLY A 288 21.61 16.24 -2.95
CA GLY A 288 21.41 14.88 -2.47
C GLY A 288 20.81 14.88 -1.08
N GLU A 289 21.20 15.85 -0.25
CA GLU A 289 20.59 15.91 1.07
C GLU A 289 19.11 16.26 0.93
N GLU A 290 18.78 17.35 0.24
CA GLU A 290 17.37 17.72 0.12
C GLU A 290 16.57 16.55 -0.43
N SER A 291 17.09 15.90 -1.47
CA SER A 291 16.44 14.72 -2.00
C SER A 291 16.35 13.64 -0.94
N CYS A 292 17.34 13.57 -0.08
CA CYS A 292 17.40 12.43 0.81
C CYS A 292 16.45 12.67 1.97
N THR A 293 16.34 13.92 2.42
CA THR A 293 15.35 14.24 3.46
C THR A 293 13.93 14.01 2.94
N LEU A 294 13.66 14.45 1.70
CA LEU A 294 12.31 14.37 1.15
C LEU A 294 11.84 12.93 1.07
N PHE A 295 12.69 12.03 0.60
CA PHE A 295 12.32 10.63 0.65
C PHE A 295 11.89 10.24 2.05
N LEU A 296 12.68 10.60 3.05
CA LEU A 296 12.37 10.18 4.40
C LEU A 296 10.98 10.60 4.79
N ARG A 297 10.61 11.85 4.50
CA ARG A 297 9.22 12.24 4.73
C ARG A 297 8.27 11.29 4.02
N SER A 298 8.55 10.96 2.77
CA SER A 298 7.65 10.04 2.08
C SER A 298 7.53 8.71 2.82
N ILE A 299 8.60 8.22 3.45
CA ILE A 299 8.39 7.04 4.29
C ILE A 299 7.58 7.41 5.51
N GLY A 300 7.79 8.62 6.02
CA GLY A 300 6.99 9.08 7.15
C GLY A 300 5.50 9.01 6.89
N LEU A 301 5.09 9.13 5.63
CA LEU A 301 3.67 9.09 5.37
C LEU A 301 3.09 7.76 5.77
N ARG A 302 3.82 6.69 5.53
CA ARG A 302 3.34 5.39 5.96
C ARG A 302 3.27 5.32 7.47
N GLU A 303 4.28 5.86 8.15
CA GLU A 303 4.29 5.82 9.60
C GLU A 303 3.07 6.52 10.16
N TYR A 304 2.70 7.66 9.57
CA TYR A 304 1.51 8.36 10.02
C TYR A 304 0.26 7.52 9.73
N SER A 305 0.23 6.85 8.57
CA SER A 305 -0.92 6.00 8.27
C SER A 305 -1.16 5.03 9.40
N ARG A 306 -0.12 4.29 9.79
CA ARG A 306 -0.28 3.39 10.91
C ARG A 306 -0.75 4.14 12.15
N TYR A 307 -0.27 5.38 12.31
CA TYR A 307 -0.65 6.16 13.48
C TYR A 307 -2.14 6.47 13.45
N LEU A 308 -2.64 6.91 12.29
CA LEU A 308 -4.02 7.36 12.21
C LEU A 308 -5.02 6.22 12.46
N THR A 309 -4.78 5.05 11.87
CA THR A 309 -5.70 3.95 12.14
C THR A 309 -5.60 3.49 13.58
N PHE A 310 -4.40 3.50 14.16
CA PHE A 310 -4.27 3.20 15.59
C PHE A 310 -4.91 4.28 16.45
N ASN A 311 -4.89 5.52 16.00
CA ASN A 311 -5.50 6.61 16.74
C ASN A 311 -7.00 6.69 16.48
N HIS A 312 -7.37 6.62 15.33
CA HIS A 312 -8.79 6.88 15.20
C HIS A 312 -9.55 5.59 14.94
N PRO A 313 -10.86 5.53 15.32
CA PRO A 313 -11.58 4.24 15.29
C PRO A 313 -11.39 3.48 13.98
N CYS A 314 -11.87 4.02 12.86
CA CYS A 314 -11.69 3.38 11.55
C CYS A 314 -12.23 1.96 11.59
N SER A 315 -13.39 1.77 12.23
CA SER A 315 -13.97 0.44 12.41
C SER A 315 -15.41 0.56 12.87
N HIS A 316 -16.35 0.25 11.98
CA HIS A 316 -17.58 -0.47 12.32
C HIS A 316 -18.44 0.12 13.43
N GLU A 317 -19.18 1.17 13.09
CA GLU A 317 -19.17 1.64 11.74
C GLU A 317 -18.32 2.86 11.42
N LYS A 318 -18.26 3.87 12.33
CA LYS A 318 -17.83 5.26 12.22
C LYS A 318 -16.77 5.39 11.12
N PRO A 319 -17.19 5.47 9.82
CA PRO A 319 -16.27 5.10 8.73
C PRO A 319 -15.24 6.19 8.53
N LEU A 320 -14.23 5.86 7.74
CA LEU A 320 -13.19 6.82 7.43
C LEU A 320 -13.79 8.08 6.82
N LEU A 321 -14.65 7.93 5.81
CA LEU A 321 -15.31 9.09 5.19
C LEU A 321 -16.75 9.23 5.68
N SER A 322 -16.89 9.25 7.01
CA SER A 322 -18.17 9.69 7.57
C SER A 322 -18.66 10.93 6.84
N HIS A 323 -17.87 12.00 6.88
CA HIS A 323 -18.40 13.32 6.55
C HIS A 323 -18.92 13.47 5.11
N LEU A 324 -18.77 12.48 4.24
CA LEU A 324 -19.58 12.45 3.03
C LEU A 324 -20.82 11.60 3.18
N ARG A 325 -21.23 11.33 4.42
CA ARG A 325 -22.37 10.44 4.62
C ARG A 325 -23.59 11.00 3.93
N PHE A 326 -23.93 12.24 4.20
CA PHE A 326 -25.04 12.88 3.50
C PHE A 326 -24.62 13.47 2.15
N PHE A 327 -23.79 12.72 1.35
CA PHE A 327 -23.51 13.17 -0.01
C PHE A 327 -24.33 12.38 -1.02
N PRO A 328 -24.95 13.08 -1.96
CA PRO A 328 -25.65 12.39 -3.05
C PRO A 328 -24.76 12.19 -4.27
N TRP A 329 -24.39 10.96 -4.54
CA TRP A 329 -23.78 10.59 -5.80
C TRP A 329 -24.63 9.64 -6.61
N VAL A 330 -24.39 9.65 -7.92
CA VAL A 330 -25.11 8.78 -8.83
C VAL A 330 -24.62 7.36 -8.67
N VAL A 331 -25.55 6.42 -8.48
CA VAL A 331 -25.24 5.00 -8.51
C VAL A 331 -25.35 4.62 -9.98
N ASN A 332 -24.28 4.80 -10.73
CA ASN A 332 -24.30 4.43 -12.14
C ASN A 332 -23.18 3.43 -12.39
N GLU A 333 -23.54 2.23 -12.85
CA GLU A 333 -22.62 1.10 -12.95
C GLU A 333 -21.99 0.97 -14.33
N VAL A 334 -22.30 1.91 -15.23
CA VAL A 334 -21.61 1.97 -16.49
C VAL A 334 -20.56 3.07 -16.50
N TYR A 335 -20.81 4.21 -15.85
CA TYR A 335 -19.72 5.16 -15.63
C TYR A 335 -18.54 4.45 -14.98
N PHE A 336 -18.80 3.65 -13.97
CA PHE A 336 -17.73 2.97 -13.24
C PHE A 336 -16.98 2.00 -14.16
N LYS A 337 -17.70 1.27 -15.02
CA LYS A 337 -16.99 0.36 -15.92
C LYS A 337 -16.07 1.12 -16.86
N VAL A 338 -16.50 2.29 -17.34
CA VAL A 338 -15.63 3.06 -18.22
C VAL A 338 -14.39 3.49 -17.46
N TRP A 339 -14.59 4.00 -16.24
CA TRP A 339 -13.48 4.25 -15.34
C TRP A 339 -12.59 3.03 -15.20
N ARG A 340 -13.20 1.89 -14.89
CA ARG A 340 -12.45 0.65 -14.69
C ARG A 340 -11.38 0.44 -15.77
N GLN A 341 -11.58 0.95 -16.98
CA GLN A 341 -10.71 0.69 -18.13
C GLN A 341 -10.15 2.02 -18.63
N GLY A 342 -9.54 2.03 -19.81
CA GLY A 342 -8.95 3.23 -20.34
C GLY A 342 -9.83 4.09 -21.21
N ARG A 343 -11.14 4.18 -20.93
CA ARG A 343 -12.03 4.82 -21.89
C ARG A 343 -12.76 6.08 -21.43
N THR A 344 -12.29 6.75 -20.39
CA THR A 344 -13.01 7.88 -19.84
C THR A 344 -13.05 9.04 -20.80
N GLY A 345 -11.97 9.27 -21.51
CA GLY A 345 -11.80 10.46 -22.31
C GLY A 345 -10.70 11.36 -21.83
N TYR A 346 -10.24 11.15 -20.61
CA TYR A 346 -9.21 11.98 -20.01
C TYR A 346 -7.91 11.24 -20.01
N PRO A 347 -6.95 11.63 -20.83
CA PRO A 347 -5.80 10.76 -21.08
C PRO A 347 -5.00 10.51 -19.84
N LEU A 348 -4.76 11.54 -19.01
CA LEU A 348 -4.00 11.26 -17.81
C LEU A 348 -4.68 10.17 -17.01
N VAL A 349 -5.95 10.38 -16.65
CA VAL A 349 -6.73 9.32 -16.01
C VAL A 349 -6.65 8.01 -16.77
N ASP A 350 -6.47 8.06 -18.07
CA ASP A 350 -6.69 6.83 -18.80
C ASP A 350 -5.41 6.01 -18.84
N ALA A 351 -4.29 6.67 -19.09
CA ALA A 351 -3.00 6.01 -18.94
C ALA A 351 -2.87 5.37 -17.57
N GLY A 352 -3.14 6.12 -16.51
CA GLY A 352 -3.10 5.52 -15.20
C GLY A 352 -3.95 4.28 -15.13
N MET A 353 -5.18 4.39 -15.61
CA MET A 353 -6.14 3.29 -15.52
C MET A 353 -5.71 2.10 -16.38
N ARG A 354 -5.03 2.36 -17.50
CA ARG A 354 -4.49 1.28 -18.32
C ARG A 354 -3.31 0.61 -17.64
N GLU A 355 -2.59 1.33 -16.77
CA GLU A 355 -1.38 0.81 -16.13
C GLU A 355 -1.73 0.05 -14.88
N LEU A 356 -2.64 0.59 -14.07
CA LEU A 356 -3.07 -0.11 -12.87
C LEU A 356 -3.40 -1.53 -13.19
N TRP A 357 -4.21 -1.68 -14.21
CA TRP A 357 -4.75 -2.99 -14.51
C TRP A 357 -3.90 -3.72 -15.53
N ALA A 358 -2.92 -3.06 -16.12
CA ALA A 358 -1.91 -3.80 -16.86
C ALA A 358 -0.81 -4.32 -15.97
N THR A 359 -0.52 -3.61 -14.88
CA THR A 359 0.68 -3.87 -14.11
C THR A 359 0.56 -3.80 -12.59
N GLY A 360 -0.51 -3.27 -12.01
CA GLY A 360 -0.65 -3.38 -10.57
C GLY A 360 0.08 -2.33 -9.77
N TRP A 361 0.52 -1.25 -10.40
CA TRP A 361 1.13 -0.14 -9.70
C TRP A 361 1.04 1.08 -10.57
N VAL A 362 0.85 2.23 -9.95
CA VAL A 362 0.84 3.49 -10.66
C VAL A 362 1.48 4.51 -9.76
N HIS A 363 2.01 5.55 -10.37
CA HIS A 363 2.64 6.58 -9.57
C HIS A 363 1.66 7.17 -8.57
N ASP A 364 2.19 7.52 -7.40
CA ASP A 364 1.41 8.20 -6.37
C ASP A 364 0.62 9.36 -6.93
N ARG A 365 1.33 10.34 -7.50
CA ARG A 365 0.67 11.55 -7.97
C ARG A 365 -0.38 11.25 -9.04
N ILE A 366 -0.23 10.16 -9.81
CA ILE A 366 -1.30 9.83 -10.74
C ILE A 366 -2.28 8.85 -10.17
N ARG A 367 -2.09 8.42 -8.94
CA ARG A 367 -3.21 7.89 -8.20
C ARG A 367 -4.19 8.97 -7.83
N VAL A 368 -3.70 10.12 -7.36
CA VAL A 368 -4.66 11.13 -6.97
C VAL A 368 -5.48 11.56 -8.16
N VAL A 369 -4.89 11.64 -9.35
CA VAL A 369 -5.67 12.19 -10.44
C VAL A 369 -6.73 11.21 -10.85
N VAL A 370 -6.47 9.91 -10.72
CA VAL A 370 -7.54 8.98 -11.07
C VAL A 370 -8.48 8.78 -9.89
N SER A 371 -7.97 8.83 -8.67
CA SER A 371 -8.84 8.65 -7.54
C SER A 371 -9.64 9.90 -7.24
N SER A 372 -9.12 11.09 -7.54
CA SER A 372 -9.99 12.27 -7.48
C SER A 372 -11.06 12.19 -8.52
N PHE A 373 -10.65 11.90 -9.75
CA PHE A 373 -11.59 11.79 -10.82
C PHE A 373 -12.74 10.90 -10.44
N PHE A 374 -12.51 9.89 -9.60
CA PHE A 374 -13.63 9.03 -9.23
C PHE A 374 -14.64 9.78 -8.41
N VAL A 375 -14.21 10.31 -7.27
CA VAL A 375 -15.15 10.97 -6.42
C VAL A 375 -15.58 12.29 -7.04
N LYS A 376 -14.69 13.00 -7.73
CA LYS A 376 -14.99 14.39 -7.99
C LYS A 376 -15.87 14.58 -9.22
N VAL A 377 -15.50 14.03 -10.38
CA VAL A 377 -16.25 14.30 -11.60
C VAL A 377 -17.19 13.17 -11.97
N LEU A 378 -16.87 11.93 -11.62
CA LEU A 378 -17.86 10.87 -11.76
C LEU A 378 -18.88 10.90 -10.66
N GLN A 379 -18.55 11.48 -9.52
CA GLN A 379 -19.49 11.57 -8.43
C GLN A 379 -20.10 10.18 -8.20
N LEU A 380 -19.22 9.23 -7.96
CA LEU A 380 -19.64 7.85 -7.79
C LEU A 380 -19.22 7.40 -6.38
N PRO A 381 -19.83 6.35 -5.85
CA PRO A 381 -19.59 6.01 -4.44
C PRO A 381 -18.15 5.60 -4.18
N TRP A 382 -17.51 6.30 -3.26
CA TRP A 382 -16.11 6.03 -3.07
C TRP A 382 -15.84 4.56 -2.71
N ARG A 383 -16.76 3.87 -2.04
CA ARG A 383 -16.56 2.45 -1.78
C ARG A 383 -16.16 1.73 -3.05
N TRP A 384 -16.78 2.07 -4.17
CA TRP A 384 -16.51 1.37 -5.42
C TRP A 384 -15.05 1.49 -5.80
N GLY A 385 -14.46 2.65 -5.58
CA GLY A 385 -13.09 2.84 -5.99
C GLY A 385 -12.20 2.00 -5.12
N MET A 386 -12.45 2.03 -3.83
CA MET A 386 -11.53 1.40 -2.92
C MET A 386 -11.45 -0.08 -3.17
N LYS A 387 -12.57 -0.71 -3.49
CA LYS A 387 -12.54 -2.14 -3.76
C LYS A 387 -11.68 -2.43 -4.99
N TYR A 388 -11.85 -1.67 -6.07
CA TYR A 388 -11.02 -1.92 -7.25
C TYR A 388 -9.54 -1.71 -6.91
N PHE A 389 -9.21 -0.56 -6.33
CA PHE A 389 -7.90 -0.37 -5.73
C PHE A 389 -7.48 -1.58 -4.92
N TRP A 390 -8.29 -1.95 -3.93
CA TRP A 390 -7.97 -3.12 -3.12
C TRP A 390 -7.78 -4.37 -3.99
N ASP A 391 -8.59 -4.49 -5.04
CA ASP A 391 -8.55 -5.73 -5.78
C ASP A 391 -7.40 -5.77 -6.77
N THR A 392 -6.96 -4.63 -7.26
CA THR A 392 -6.06 -4.61 -8.40
C THR A 392 -4.69 -4.03 -8.09
N LEU A 393 -4.38 -3.79 -6.83
CA LEU A 393 -3.11 -3.21 -6.47
C LEU A 393 -2.25 -4.26 -5.79
N LEU A 394 -0.94 -4.20 -6.01
CA LEU A 394 -0.08 -5.07 -5.22
C LEU A 394 0.25 -4.43 -3.90
N ASP A 395 0.51 -3.14 -3.91
CA ASP A 395 0.90 -2.44 -2.71
C ASP A 395 -0.33 -1.98 -1.92
N ALA A 396 -1.26 -2.90 -1.71
CA ALA A 396 -2.51 -2.60 -1.05
C ALA A 396 -2.37 -2.90 0.43
N ASP A 397 -2.24 -1.87 1.26
CA ASP A 397 -2.65 -1.98 2.66
C ASP A 397 -3.84 -1.08 2.88
N LEU A 398 -4.86 -1.65 3.52
CA LEU A 398 -6.05 -0.90 3.87
C LEU A 398 -5.64 0.33 4.66
N GLU A 399 -4.47 0.27 5.24
CA GLU A 399 -4.08 1.30 6.18
C GLU A 399 -3.63 2.56 5.45
N SER A 400 -2.60 2.43 4.63
CA SER A 400 -2.16 3.58 3.86
C SER A 400 -3.08 3.86 2.69
N ASP A 401 -3.83 2.88 2.20
CA ASP A 401 -4.74 3.16 1.10
C ASP A 401 -6.05 3.70 1.61
N ALA A 402 -6.34 3.53 2.88
CA ALA A 402 -7.37 4.38 3.43
C ALA A 402 -6.88 5.80 3.50
N LEU A 403 -5.70 5.99 4.10
CA LEU A 403 -5.20 7.33 4.27
C LEU A 403 -5.18 8.08 2.95
N GLY A 404 -4.79 7.41 1.87
CA GLY A 404 -4.79 8.01 0.55
C GLY A 404 -6.17 8.34 0.00
N TRP A 405 -7.23 7.71 0.51
CA TRP A 405 -8.56 8.10 0.08
C TRP A 405 -9.08 9.25 0.92
N GLN A 406 -8.57 9.40 2.13
CA GLN A 406 -8.98 10.51 2.97
C GLN A 406 -8.41 11.82 2.43
N TYR A 407 -7.07 11.90 2.37
CA TYR A 407 -6.29 13.02 1.83
C TYR A 407 -6.90 13.60 0.56
N ILE A 408 -7.31 12.72 -0.33
CA ILE A 408 -7.67 13.12 -1.67
C ILE A 408 -9.07 13.71 -1.73
N SER A 409 -9.94 13.35 -0.79
CA SER A 409 -11.33 13.78 -0.78
C SER A 409 -11.62 14.44 0.56
N GLY A 410 -11.48 15.77 0.60
CA GLY A 410 -11.88 16.65 1.69
C GLY A 410 -11.25 16.43 3.06
N SER A 411 -11.34 15.18 3.53
CA SER A 411 -11.26 14.80 4.93
C SER A 411 -10.09 15.40 5.70
N LEU A 412 -8.95 14.75 5.62
CA LEU A 412 -7.78 15.18 6.33
C LEU A 412 -7.66 16.70 6.31
N PRO A 413 -7.58 17.34 7.45
CA PRO A 413 -7.36 18.79 7.55
C PRO A 413 -6.26 19.35 6.67
N ASP A 414 -5.31 18.49 6.28
CA ASP A 414 -4.27 18.84 5.32
C ASP A 414 -4.55 18.30 3.93
N GLY A 415 -5.45 17.35 3.79
CA GLY A 415 -5.82 16.87 2.48
C GLY A 415 -6.48 17.96 1.65
N ARG A 416 -6.39 17.81 0.35
CA ARG A 416 -6.73 18.91 -0.53
C ARG A 416 -8.24 19.10 -0.59
N GLU A 417 -8.64 20.25 -1.14
CA GLU A 417 -10.02 20.71 -1.05
C GLU A 417 -10.96 19.82 -1.85
N LEU A 418 -11.96 19.28 -1.17
CA LEU A 418 -12.96 18.50 -1.90
C LEU A 418 -13.69 19.37 -2.90
N ASP A 419 -13.87 20.66 -2.62
CA ASP A 419 -14.71 21.49 -3.47
C ASP A 419 -14.07 21.80 -4.82
N ARG A 420 -12.78 21.52 -4.98
CA ARG A 420 -12.05 21.97 -6.16
C ARG A 420 -11.70 20.80 -7.05
N ILE A 421 -12.04 20.92 -8.32
CA ILE A 421 -11.82 19.89 -9.31
C ILE A 421 -10.59 20.29 -10.09
N ASP A 422 -9.58 19.44 -10.05
CA ASP A 422 -8.33 19.77 -10.71
C ASP A 422 -8.54 19.84 -12.20
N ASN A 423 -7.93 20.82 -12.83
CA ASN A 423 -8.09 21.04 -14.24
C ASN A 423 -7.01 20.26 -14.96
N PRO A 424 -7.35 19.28 -15.80
CA PRO A 424 -6.35 18.24 -16.15
C PRO A 424 -5.17 18.75 -16.92
N GLN A 425 -5.21 19.96 -17.45
CA GLN A 425 -4.26 20.32 -18.50
C GLN A 425 -2.90 20.66 -17.95
N PHE A 426 -2.87 21.41 -16.84
CA PHE A 426 -1.68 21.77 -16.09
C PHE A 426 -1.53 21.02 -14.77
N GLU A 427 -2.48 20.14 -14.43
CA GLU A 427 -2.15 19.07 -13.51
C GLU A 427 -1.38 18.00 -14.27
N GLY A 428 -1.54 17.97 -15.58
CA GLY A 428 -0.81 17.08 -16.46
C GLY A 428 0.57 17.58 -16.85
N TYR A 429 0.77 18.89 -16.83
CA TYR A 429 2.11 19.41 -17.02
C TYR A 429 2.94 19.27 -15.75
N LYS A 430 2.30 19.29 -14.59
CA LYS A 430 3.04 19.03 -13.36
C LYS A 430 3.62 17.63 -13.38
N PHE A 431 2.82 16.65 -13.80
CA PHE A 431 3.12 15.24 -13.61
C PHE A 431 3.61 14.54 -14.86
N ASP A 432 3.48 15.14 -16.05
CA ASP A 432 3.87 14.52 -17.31
C ASP A 432 4.21 15.60 -18.32
N PRO A 433 5.34 16.28 -18.14
CA PRO A 433 5.51 17.59 -18.78
C PRO A 433 5.65 17.52 -20.29
N HIS A 434 6.38 16.56 -20.81
CA HIS A 434 6.48 16.41 -22.26
C HIS A 434 5.40 15.50 -22.81
N GLY A 435 4.62 14.90 -21.92
CA GLY A 435 3.54 14.06 -22.33
C GLY A 435 3.98 12.73 -22.86
N GLU A 436 4.84 12.02 -22.15
CA GLU A 436 5.23 10.72 -22.66
C GLU A 436 4.81 9.62 -21.70
N TYR A 437 4.20 9.97 -20.60
CA TYR A 437 3.45 8.98 -19.87
C TYR A 437 2.23 8.58 -20.68
N VAL A 438 1.31 9.48 -20.90
CA VAL A 438 0.37 9.22 -21.96
C VAL A 438 1.36 8.93 -23.13
N ARG A 439 0.99 8.04 -24.04
CA ARG A 439 1.77 7.52 -25.16
C ARG A 439 2.83 6.48 -24.79
N ARG A 440 2.96 6.05 -23.54
CA ARG A 440 3.47 4.70 -23.43
C ARG A 440 2.31 3.76 -23.17
N TRP A 441 1.22 4.27 -22.61
CA TRP A 441 0.07 3.45 -22.31
C TRP A 441 -1.08 3.72 -23.25
N LEU A 442 -1.08 4.88 -23.90
CA LEU A 442 -2.24 5.39 -24.62
C LEU A 442 -1.75 5.79 -26.00
N PRO A 443 -1.28 4.84 -26.79
CA PRO A 443 -0.72 5.21 -28.09
C PRO A 443 -1.76 5.49 -29.16
N GLU A 444 -3.05 5.26 -28.87
CA GLU A 444 -4.09 5.66 -29.81
C GLU A 444 -3.88 7.11 -30.22
N LEU A 445 -3.64 7.96 -29.24
CA LEU A 445 -3.30 9.36 -29.45
C LEU A 445 -1.80 9.58 -29.40
N ALA A 446 -1.01 8.61 -29.83
CA ALA A 446 0.43 8.77 -29.64
C ALA A 446 0.97 10.00 -30.35
N ARG A 447 0.25 10.53 -31.32
CA ARG A 447 0.85 11.53 -32.18
C ARG A 447 0.36 12.95 -31.98
N LEU A 448 -0.79 13.18 -31.34
CA LEU A 448 -1.27 14.57 -31.22
C LEU A 448 -0.34 15.36 -30.30
N PRO A 449 0.15 16.50 -30.74
CA PRO A 449 1.23 17.15 -29.99
C PRO A 449 0.81 17.45 -28.57
N THR A 450 1.82 17.71 -27.74
CA THR A 450 1.63 17.63 -26.31
C THR A 450 1.01 18.88 -25.72
N GLU A 451 0.82 19.93 -26.52
CA GLU A 451 0.11 21.10 -26.02
C GLU A 451 -1.19 20.68 -25.38
N TRP A 452 -1.95 19.88 -26.11
CA TRP A 452 -3.20 19.39 -25.63
C TRP A 452 -3.24 17.88 -25.80
N ILE A 453 -2.26 17.19 -25.23
CA ILE A 453 -2.43 15.76 -25.21
C ILE A 453 -3.31 15.34 -24.07
N HIS A 454 -3.33 16.06 -22.96
CA HIS A 454 -4.33 15.80 -21.95
C HIS A 454 -5.63 16.57 -22.17
N HIS A 455 -5.83 17.16 -23.33
CA HIS A 455 -7.05 17.91 -23.56
C HIS A 455 -8.06 17.44 -24.56
N PRO A 456 -7.69 16.43 -25.31
CA PRO A 456 -8.05 16.37 -26.72
C PRO A 456 -9.36 17.09 -27.14
N TRP A 457 -10.32 17.35 -26.23
CA TRP A 457 -11.60 17.97 -26.59
C TRP A 457 -11.35 19.39 -27.00
N ASP A 458 -10.66 20.10 -26.12
CA ASP A 458 -10.49 21.54 -26.22
C ASP A 458 -9.84 21.90 -27.55
N ALA A 459 -8.91 21.07 -28.00
CA ALA A 459 -8.02 21.36 -29.10
C ALA A 459 -8.76 21.30 -30.44
N PRO A 460 -8.31 22.07 -31.43
CA PRO A 460 -9.20 22.33 -32.56
C PRO A 460 -9.34 21.14 -33.47
N GLU A 461 -10.51 21.08 -34.13
CA GLU A 461 -10.91 19.91 -34.88
C GLU A 461 -10.06 19.69 -36.10
N SER A 462 -9.32 20.70 -36.52
CA SER A 462 -8.37 20.53 -37.60
C SER A 462 -7.01 20.04 -37.11
N VAL A 463 -6.78 19.99 -35.80
CA VAL A 463 -5.54 19.45 -35.25
C VAL A 463 -5.70 18.00 -34.86
N LEU A 464 -6.85 17.67 -34.28
CA LEU A 464 -7.24 16.28 -34.11
C LEU A 464 -6.93 15.50 -35.36
N GLN A 465 -7.35 16.02 -36.50
CA GLN A 465 -7.04 15.36 -37.76
C GLN A 465 -5.59 15.49 -38.14
N ALA A 466 -4.89 16.50 -37.68
CA ALA A 466 -3.45 16.52 -37.94
C ALA A 466 -2.76 15.37 -37.26
N ALA A 467 -3.36 14.88 -36.21
CA ALA A 467 -2.86 13.70 -35.56
C ALA A 467 -3.97 12.69 -35.27
N GLY A 468 -4.82 12.41 -36.27
CA GLY A 468 -5.59 11.19 -36.38
C GLY A 468 -6.32 10.71 -35.17
N VAL A 469 -6.49 11.55 -34.16
CA VAL A 469 -7.49 11.31 -33.12
C VAL A 469 -8.84 11.77 -33.64
N GLU A 470 -9.84 10.89 -33.55
CA GLU A 470 -11.13 11.17 -34.16
C GLU A 470 -12.21 10.78 -33.17
N LEU A 471 -12.14 11.37 -31.97
CA LEU A 471 -12.78 10.87 -30.77
C LEU A 471 -14.11 10.22 -31.07
N GLY A 472 -14.23 8.94 -30.76
CA GLY A 472 -15.34 8.14 -31.25
C GLY A 472 -14.93 7.13 -32.30
N SER A 473 -13.70 7.16 -32.77
CA SER A 473 -13.07 5.97 -33.30
C SER A 473 -11.90 5.58 -32.42
N ASN A 474 -10.91 6.44 -32.29
CA ASN A 474 -9.69 6.02 -31.60
C ASN A 474 -9.84 6.13 -30.10
N TYR A 475 -10.06 7.34 -29.62
CA TYR A 475 -9.93 7.61 -28.21
C TYR A 475 -11.22 8.30 -27.84
N PRO A 476 -12.05 7.74 -26.96
CA PRO A 476 -13.45 8.12 -26.93
C PRO A 476 -13.68 9.49 -26.34
N ARG A 477 -14.74 10.14 -26.84
CA ARG A 477 -15.14 11.44 -26.34
C ARG A 477 -15.29 11.39 -24.82
N PRO A 478 -15.17 12.53 -24.13
CA PRO A 478 -15.07 12.47 -22.68
C PRO A 478 -16.43 12.19 -22.06
N ILE A 479 -16.53 11.09 -21.30
CA ILE A 479 -17.61 10.92 -20.34
C ILE A 479 -17.79 12.26 -19.65
N VAL A 480 -19.04 12.65 -19.39
CA VAL A 480 -19.32 13.82 -18.55
C VAL A 480 -18.40 15.02 -18.80
N GLU A 481 -18.61 15.73 -19.91
CA GLU A 481 -17.83 16.91 -20.31
C GLU A 481 -17.58 17.85 -19.12
N LEU A 482 -16.30 18.05 -18.80
CA LEU A 482 -15.88 18.38 -17.43
C LEU A 482 -16.68 19.51 -16.81
N ASP A 483 -17.06 20.52 -17.59
CA ASP A 483 -17.59 21.73 -17.01
C ASP A 483 -18.78 21.42 -16.11
N ALA A 484 -19.67 20.56 -16.58
CA ALA A 484 -20.96 20.34 -15.93
C ALA A 484 -20.94 19.23 -14.90
N ALA A 485 -19.77 18.67 -14.60
CA ALA A 485 -19.65 18.00 -13.32
C ALA A 485 -19.14 18.92 -12.27
N ASN A 486 -18.44 19.97 -12.73
CA ASN A 486 -17.79 20.86 -11.78
C ASN A 486 -18.79 21.90 -11.31
N SER A 487 -19.71 22.31 -12.18
CA SER A 487 -21.01 22.75 -11.66
C SER A 487 -21.52 21.80 -10.56
N ARG A 488 -21.89 20.59 -10.94
CA ARG A 488 -22.78 19.74 -10.14
C ARG A 488 -22.12 19.23 -8.85
N LEU A 489 -20.81 19.10 -8.79
CA LEU A 489 -20.19 18.89 -7.49
C LEU A 489 -20.55 20.03 -6.53
N GLN A 490 -20.48 21.29 -7.00
CA GLN A 490 -20.73 22.40 -6.09
C GLN A 490 -22.17 22.41 -5.59
N ASP A 491 -23.13 22.04 -6.45
CA ASP A 491 -24.49 21.79 -5.97
C ASP A 491 -24.51 20.60 -5.02
N ALA A 492 -23.83 19.51 -5.40
CA ALA A 492 -23.80 18.32 -4.55
C ALA A 492 -23.19 18.64 -3.18
N LEU A 493 -22.07 19.35 -3.16
CA LEU A 493 -21.51 19.77 -1.88
C LEU A 493 -22.50 20.61 -1.08
N SER A 494 -23.32 21.40 -1.78
CA SER A 494 -24.24 22.28 -1.07
C SER A 494 -25.32 21.48 -0.36
N GLU A 495 -25.81 20.42 -0.99
CA GLU A 495 -26.78 19.55 -0.33
C GLU A 495 -26.16 18.85 0.88
N MET A 496 -24.90 18.41 0.75
CA MET A 496 -24.17 17.98 1.94
C MET A 496 -24.27 19.03 3.04
N TRP A 497 -23.66 20.19 2.82
CA TRP A 497 -23.77 21.25 3.81
C TRP A 497 -25.21 21.52 4.19
N GLU A 498 -26.13 21.39 3.23
CA GLU A 498 -27.54 21.73 3.47
C GLU A 498 -28.19 20.71 4.39
N LEU A 499 -27.84 19.44 4.29
CA LEU A 499 -28.52 18.40 5.02
C LEU A 499 -27.69 17.84 6.16
N GLU A 500 -26.47 18.33 6.36
CA GLU A 500 -25.79 18.06 7.62
C GLU A 500 -26.29 19.00 8.71
N ALA A 501 -26.56 20.26 8.37
CA ALA A 501 -27.19 21.18 9.31
C ALA A 501 -28.67 20.86 9.53
N ALA A 502 -29.29 20.13 8.61
CA ALA A 502 -30.66 19.67 8.85
C ALA A 502 -30.68 18.64 9.97
N SER A 503 -29.75 17.70 9.96
CA SER A 503 -29.63 16.72 11.04
C SER A 503 -28.51 17.06 12.02
N ARG A 504 -28.19 18.35 12.16
CA ARG A 504 -27.64 18.88 13.41
C ARG A 504 -28.73 19.32 14.39
N ALA A 505 -30.00 19.11 14.02
CA ALA A 505 -31.14 19.34 14.89
C ALA A 505 -31.10 18.41 16.10
#